data_4HLJ
#
_entry.id   4HLJ
#
_cell.length_a   28.700
_cell.length_b   77.710
_cell.length_c   91.900
_cell.angle_alpha   90.00
_cell.angle_beta   90.00
_cell.angle_gamma   90.00
#
_symmetry.space_group_name_H-M   'P 21 21 21'
#
loop_
_entity.id
_entity.type
_entity.pdbx_description
1 polymer 'Roundabout homolog 1'
2 non-polymer 'PENTAETHYLENE GLYCOL'
3 water water
#
_entity_poly.entity_id   1
_entity_poly.type   'polypeptide(L)'
_entity_poly.pdbx_seq_one_letter_code
;STSQGVDHKQVQRELGNAVLHLHNPTVLSSSSIEVHWTVDQQSQYIQGYKILYRPSGANHGESDWLVFEVRTPAKNSVVI
PDLRKGVNYEIKARPFFNEFQGADSEIKFAKTLEEAPSAPPQGVTVSKNDGNGTAILVSWQPPPEDTQNGMVQEYKVWCL
GNETRYHINKTVDGSTFSVVIPFLVPGIRYSVEVAASTGAGSGVKSEPQFIQLDAHGNPVSPEDRVSLAQQISDVVKQPK
;
_entity_poly.pdbx_strand_id   A
#
loop_
_chem_comp.id
_chem_comp.type
_chem_comp.name
_chem_comp.formula
1PE non-polymer 'PENTAETHYLENE GLYCOL' 'C10 H22 O6'
#
# COMPACT_ATOMS: atom_id res chain seq x y z
N THR A 2 -34.02 -27.73 32.09
CA THR A 2 -32.98 -26.74 32.32
C THR A 2 -31.82 -27.32 33.13
N SER A 3 -31.61 -28.63 33.02
CA SER A 3 -30.65 -29.30 33.90
C SER A 3 -29.65 -30.21 33.21
N GLN A 4 -29.70 -30.29 31.89
CA GLN A 4 -28.84 -31.23 31.17
C GLN A 4 -27.98 -30.60 30.08
N GLY A 5 -27.53 -29.38 30.31
CA GLY A 5 -26.67 -28.69 29.36
C GLY A 5 -25.22 -28.72 29.78
N VAL A 6 -24.41 -27.86 29.18
CA VAL A 6 -22.99 -27.80 29.49
C VAL A 6 -22.74 -27.00 30.77
N ASP A 7 -21.59 -27.25 31.39
CA ASP A 7 -21.13 -26.44 32.51
C ASP A 7 -20.24 -25.33 31.97
N HIS A 8 -20.77 -24.10 31.95
CA HIS A 8 -20.07 -23.00 31.29
C HIS A 8 -18.64 -22.81 31.82
N LYS A 9 -18.47 -22.95 33.14
CA LYS A 9 -17.13 -22.86 33.71
C LYS A 9 -16.21 -23.91 33.10
N GLN A 10 -16.73 -25.12 32.90
CA GLN A 10 -15.95 -26.20 32.31
C GLN A 10 -15.60 -25.90 30.85
N VAL A 11 -16.60 -25.50 30.07
CA VAL A 11 -16.38 -25.14 28.67
C VAL A 11 -15.37 -24.00 28.53
N GLN A 12 -15.52 -22.98 29.36
CA GLN A 12 -14.63 -21.83 29.30
C GLN A 12 -13.19 -22.22 29.60
N ARG A 13 -13.00 -23.09 30.58
CA ARG A 13 -11.66 -23.53 30.94
C ARG A 13 -11.01 -24.35 29.83
N GLU A 14 -11.73 -25.35 29.32
CA GLU A 14 -11.20 -26.18 28.24
C GLU A 14 -10.87 -25.35 27.02
N LEU A 15 -11.78 -24.47 26.64
CA LEU A 15 -11.58 -23.62 25.49
C LEU A 15 -10.36 -22.73 25.70
N GLY A 16 -10.21 -22.21 26.91
CA GLY A 16 -9.08 -21.37 27.24
C GLY A 16 -7.76 -22.13 27.12
N ASN A 17 -7.81 -23.43 27.36
CA ASN A 17 -6.60 -24.25 27.34
C ASN A 17 -6.23 -24.78 25.96
N ALA A 18 -7.14 -24.63 25.00
CA ALA A 18 -6.85 -24.99 23.63
C ALA A 18 -5.91 -23.93 23.06
N VAL A 19 -4.62 -24.12 23.31
CA VAL A 19 -3.62 -23.11 22.95
C VAL A 19 -3.36 -23.07 21.45
N LEU A 20 -3.79 -21.98 20.81
CA LEU A 20 -3.57 -21.80 19.40
C LEU A 20 -2.22 -21.10 19.16
N HIS A 21 -1.28 -21.84 18.56
CA HIS A 21 0.00 -21.26 18.20
C HIS A 21 -0.01 -20.81 16.75
N LEU A 22 -0.02 -19.49 16.56
CA LEU A 22 -0.09 -18.92 15.24
C LEU A 22 1.31 -18.83 14.65
N HIS A 23 1.49 -19.43 13.48
CA HIS A 23 2.78 -19.41 12.81
C HIS A 23 2.94 -18.13 12.01
N ASN A 24 4.16 -17.87 11.54
CA ASN A 24 4.39 -16.69 10.70
C ASN A 24 3.53 -16.78 9.44
N PRO A 25 2.69 -15.76 9.22
CA PRO A 25 1.78 -15.75 8.07
C PRO A 25 2.53 -15.85 6.75
N THR A 26 1.90 -16.46 5.76
CA THR A 26 2.52 -16.61 4.45
C THR A 26 1.84 -15.68 3.47
N VAL A 27 2.55 -14.65 3.03
CA VAL A 27 1.97 -13.71 2.08
C VAL A 27 1.85 -14.34 0.69
N LEU A 28 0.64 -14.32 0.15
CA LEU A 28 0.34 -14.99 -1.11
C LEU A 28 0.29 -14.04 -2.31
N SER A 29 -0.28 -12.85 -2.08
CA SER A 29 -0.41 -11.86 -3.15
C SER A 29 -0.48 -10.45 -2.57
N SER A 30 -0.81 -9.49 -3.42
CA SER A 30 -0.97 -8.11 -2.97
C SER A 30 -2.27 -7.92 -2.19
N SER A 31 -3.12 -8.94 -2.19
CA SER A 31 -4.41 -8.81 -1.51
C SER A 31 -4.79 -10.00 -0.65
N SER A 32 -3.87 -10.94 -0.45
CA SER A 32 -4.19 -12.11 0.38
C SER A 32 -2.99 -12.65 1.17
N ILE A 33 -3.30 -13.17 2.36
CA ILE A 33 -2.30 -13.73 3.25
C ILE A 33 -2.81 -15.04 3.82
N GLU A 34 -1.97 -16.07 3.79
CA GLU A 34 -2.36 -17.35 4.38
C GLU A 34 -1.94 -17.42 5.84
N VAL A 35 -2.87 -17.81 6.69
CA VAL A 35 -2.60 -17.99 8.11
C VAL A 35 -2.65 -19.48 8.45
N HIS A 36 -1.70 -19.93 9.26
CA HIS A 36 -1.66 -21.33 9.70
C HIS A 36 -1.40 -21.42 11.20
N TRP A 37 -1.99 -22.43 11.84
CA TRP A 37 -1.85 -22.58 13.28
C TRP A 37 -1.80 -24.04 13.70
N THR A 38 -1.32 -24.26 14.91
CA THR A 38 -1.36 -25.58 15.52
C THR A 38 -2.00 -25.43 16.90
N VAL A 39 -2.80 -26.41 17.28
CA VAL A 39 -3.44 -26.38 18.59
C VAL A 39 -2.92 -27.49 19.49
N ASP A 40 -2.37 -27.11 20.63
CA ASP A 40 -2.01 -28.07 21.66
C ASP A 40 -3.16 -28.18 22.65
N GLN A 41 -3.47 -29.39 23.08
CA GLN A 41 -4.57 -29.61 24.01
C GLN A 41 -5.87 -29.07 23.44
N GLN A 42 -6.31 -29.65 22.33
CA GLN A 42 -7.57 -29.24 21.70
C GLN A 42 -8.71 -29.40 22.70
N SER A 43 -9.65 -28.46 22.67
CA SER A 43 -10.83 -28.51 23.52
C SER A 43 -11.81 -29.56 23.01
N GLN A 44 -12.53 -30.20 23.94
CA GLN A 44 -13.59 -31.12 23.56
C GLN A 44 -14.87 -30.34 23.25
N TYR A 45 -14.81 -29.02 23.46
CA TYR A 45 -15.85 -28.11 23.01
C TYR A 45 -15.20 -27.16 22.04
N ILE A 46 -15.36 -27.41 20.74
CA ILE A 46 -14.72 -26.57 19.75
C ILE A 46 -15.51 -26.55 18.46
N GLN A 47 -15.96 -25.36 18.06
CA GLN A 47 -16.73 -25.20 16.83
C GLN A 47 -15.83 -24.76 15.68
N GLY A 48 -14.81 -23.98 15.99
CA GLY A 48 -13.90 -23.48 14.98
C GLY A 48 -12.97 -22.41 15.51
N TYR A 49 -12.54 -21.52 14.63
CA TYR A 49 -11.60 -20.46 15.00
C TYR A 49 -12.04 -19.12 14.46
N LYS A 50 -11.74 -18.06 15.22
CA LYS A 50 -11.89 -16.70 14.71
C LYS A 50 -10.51 -16.17 14.37
N ILE A 51 -10.34 -15.70 13.14
CA ILE A 51 -9.11 -15.04 12.74
C ILE A 51 -9.36 -13.54 12.71
N LEU A 52 -8.70 -12.81 13.60
CA LEU A 52 -8.87 -11.36 13.65
C LEU A 52 -7.72 -10.68 12.94
N TYR A 53 -8.04 -9.69 12.12
CA TYR A 53 -7.00 -9.00 11.36
C TYR A 53 -7.37 -7.56 11.07
N ARG A 54 -6.36 -6.73 10.83
CA ARG A 54 -6.57 -5.35 10.49
C ARG A 54 -5.29 -4.72 9.95
N PRO A 55 -5.43 -3.69 9.12
CA PRO A 55 -4.27 -2.98 8.60
C PRO A 55 -3.57 -2.21 9.71
N SER A 56 -2.30 -1.87 9.48
CA SER A 56 -1.59 -0.93 10.32
C SER A 56 -2.32 0.41 10.30
N GLY A 57 -2.00 1.27 11.26
CA GLY A 57 -2.65 2.56 11.37
C GLY A 57 -3.30 2.75 12.72
N ALA A 58 -3.84 3.93 12.95
CA ALA A 58 -4.56 4.20 14.19
C ALA A 58 -5.78 3.28 14.29
N ASN A 59 -5.98 2.68 15.46
CA ASN A 59 -7.12 1.82 15.67
C ASN A 59 -7.73 2.05 17.06
N HIS A 60 -8.88 1.46 17.30
CA HIS A 60 -9.61 1.69 18.54
C HIS A 60 -9.54 0.50 19.50
N GLY A 61 -8.42 -0.21 19.47
CA GLY A 61 -8.18 -1.27 20.45
C GLY A 61 -8.74 -2.63 20.10
N GLU A 62 -9.08 -3.40 21.13
CA GLU A 62 -9.41 -4.81 20.98
C GLU A 62 -10.71 -5.08 20.23
N SER A 63 -11.55 -4.06 20.10
CA SER A 63 -12.81 -4.22 19.39
C SER A 63 -12.66 -3.88 17.92
N ASP A 64 -11.51 -3.31 17.57
CA ASP A 64 -11.31 -2.77 16.22
C ASP A 64 -10.57 -3.74 15.30
N TRP A 65 -11.20 -4.88 15.03
CA TRP A 65 -10.64 -5.90 14.15
C TRP A 65 -11.66 -6.37 13.14
N LEU A 66 -11.20 -6.79 11.97
CA LEU A 66 -12.04 -7.56 11.05
C LEU A 66 -11.96 -9.01 11.50
N VAL A 67 -13.01 -9.78 11.23
CA VAL A 67 -13.03 -11.17 11.70
C VAL A 67 -13.35 -12.17 10.59
N PHE A 68 -12.46 -13.14 10.42
CA PHE A 68 -12.68 -14.24 9.47
C PHE A 68 -12.99 -15.49 10.29
N GLU A 69 -14.20 -16.01 10.15
CA GLU A 69 -14.63 -17.14 10.95
C GLU A 69 -14.40 -18.47 10.24
N VAL A 70 -13.60 -19.34 10.86
CA VAL A 70 -13.35 -20.67 10.34
C VAL A 70 -14.27 -21.62 11.10
N ARG A 71 -15.26 -22.16 10.41
CA ARG A 71 -16.38 -22.82 11.08
C ARG A 71 -16.21 -24.33 11.22
N THR A 72 -14.97 -24.78 11.17
CA THR A 72 -14.64 -26.17 11.49
C THR A 72 -13.32 -26.22 12.25
N PRO A 73 -13.24 -27.07 13.28
CA PRO A 73 -12.02 -27.17 14.08
C PRO A 73 -10.94 -27.96 13.36
N ALA A 74 -11.30 -28.63 12.26
CA ALA A 74 -10.36 -29.50 11.55
C ALA A 74 -9.35 -28.73 10.70
N LYS A 75 -9.71 -27.51 10.31
CA LYS A 75 -8.79 -26.68 9.51
C LYS A 75 -7.64 -26.16 10.36
N ASN A 76 -6.44 -26.15 9.78
CA ASN A 76 -5.28 -25.58 10.47
C ASN A 76 -4.71 -24.39 9.70
N SER A 77 -5.40 -23.96 8.66
CA SER A 77 -4.98 -22.80 7.88
C SER A 77 -6.15 -22.25 7.08
N VAL A 78 -6.03 -20.98 6.68
CA VAL A 78 -7.03 -20.33 5.86
C VAL A 78 -6.40 -19.15 5.16
N VAL A 79 -6.99 -18.76 4.03
CA VAL A 79 -6.50 -17.60 3.29
C VAL A 79 -7.37 -16.39 3.57
N ILE A 80 -6.75 -15.31 4.02
CA ILE A 80 -7.46 -14.04 4.21
C ILE A 80 -7.37 -13.24 2.91
N PRO A 81 -8.49 -13.05 2.23
CA PRO A 81 -8.52 -12.37 0.93
C PRO A 81 -9.00 -10.94 1.03
N ASP A 82 -8.97 -10.23 -0.09
CA ASP A 82 -9.54 -8.89 -0.16
C ASP A 82 -8.82 -7.87 0.71
N LEU A 83 -7.50 -8.00 0.81
CA LEU A 83 -6.71 -7.09 1.63
C LEU A 83 -6.18 -5.90 0.82
N ARG A 84 -5.86 -4.81 1.50
CA ARG A 84 -5.25 -3.65 0.87
C ARG A 84 -3.88 -4.02 0.32
N LYS A 85 -3.53 -3.46 -0.83
CA LYS A 85 -2.26 -3.79 -1.49
C LYS A 85 -1.08 -3.08 -0.84
N GLY A 86 -0.01 -3.84 -0.60
CA GLY A 86 1.21 -3.29 -0.03
C GLY A 86 1.05 -2.72 1.37
N VAL A 87 0.18 -3.36 2.16
CA VAL A 87 -0.14 -2.88 3.50
C VAL A 87 0.22 -3.89 4.59
N ASN A 88 0.77 -3.38 5.69
N ASN A 88 0.78 -3.40 5.69
CA ASN A 88 1.11 -4.20 6.84
CA ASN A 88 1.15 -4.25 6.81
C ASN A 88 -0.13 -4.60 7.63
C ASN A 88 -0.05 -4.60 7.68
N TYR A 89 -0.28 -5.90 7.86
CA TYR A 89 -1.43 -6.38 8.62
C TYR A 89 -1.05 -6.97 9.97
N GLU A 90 -1.93 -6.75 10.94
CA GLU A 90 -1.84 -7.35 12.25
C GLU A 90 -2.84 -8.50 12.29
N ILE A 91 -2.40 -9.66 12.78
CA ILE A 91 -3.25 -10.85 12.76
C ILE A 91 -3.15 -11.63 14.06
N LYS A 92 -4.30 -12.11 14.52
CA LYS A 92 -4.35 -13.00 15.68
C LYS A 92 -5.54 -13.96 15.52
N ALA A 93 -5.55 -15.01 16.32
CA ALA A 93 -6.57 -16.03 16.18
C ALA A 93 -6.95 -16.64 17.53
N ARG A 94 -8.19 -17.09 17.65
CA ARG A 94 -8.67 -17.71 18.88
C ARG A 94 -9.66 -18.80 18.56
N PRO A 95 -9.68 -19.87 19.37
CA PRO A 95 -10.70 -20.90 19.21
C PRO A 95 -12.03 -20.41 19.75
N PHE A 96 -13.13 -20.98 19.30
CA PHE A 96 -14.42 -20.64 19.88
C PHE A 96 -15.36 -21.84 19.86
N PHE A 97 -16.37 -21.79 20.71
CA PHE A 97 -17.41 -22.80 20.76
C PHE A 97 -18.69 -22.09 21.12
N ASN A 98 -19.59 -21.96 20.15
CA ASN A 98 -20.80 -21.18 20.32
C ASN A 98 -20.49 -19.80 20.87
N GLU A 99 -21.05 -19.47 22.03
CA GLU A 99 -20.88 -18.14 22.61
C GLU A 99 -19.55 -17.96 23.35
N PHE A 100 -18.81 -19.04 23.54
CA PHE A 100 -17.56 -18.98 24.29
C PHE A 100 -16.34 -18.81 23.39
N GLN A 101 -15.38 -18.03 23.85
N GLN A 101 -15.39 -18.01 23.86
CA GLN A 101 -14.15 -17.81 23.10
CA GLN A 101 -14.15 -17.79 23.12
C GLN A 101 -12.92 -18.15 23.92
C GLN A 101 -12.95 -18.23 23.94
N GLY A 102 -11.90 -18.69 23.26
CA GLY A 102 -10.66 -19.03 23.92
C GLY A 102 -9.77 -17.82 23.99
N ALA A 103 -8.50 -18.02 24.35
CA ALA A 103 -7.55 -16.92 24.45
C ALA A 103 -6.93 -16.62 23.10
N ASP A 104 -6.59 -15.36 22.88
CA ASP A 104 -5.94 -14.96 21.64
C ASP A 104 -4.55 -15.58 21.52
N SER A 105 -4.19 -15.93 20.30
CA SER A 105 -2.85 -16.40 19.99
C SER A 105 -1.88 -15.24 20.14
N GLU A 106 -0.61 -15.49 19.86
CA GLU A 106 0.36 -14.42 19.76
C GLU A 106 -0.06 -13.54 18.58
N ILE A 107 0.34 -12.27 18.62
CA ILE A 107 0.07 -11.36 17.52
C ILE A 107 1.13 -11.50 16.45
N LYS A 108 0.72 -11.62 15.20
CA LYS A 108 1.65 -11.69 14.08
C LYS A 108 1.46 -10.53 13.12
N PHE A 109 2.51 -10.17 12.41
CA PHE A 109 2.45 -9.09 11.44
C PHE A 109 2.96 -9.57 10.08
N ALA A 110 2.25 -9.19 9.02
CA ALA A 110 2.65 -9.55 7.67
C ALA A 110 2.15 -8.51 6.68
N LYS A 111 2.96 -8.22 5.67
CA LYS A 111 2.63 -7.19 4.71
C LYS A 111 2.26 -7.78 3.36
N THR A 112 1.12 -7.38 2.82
CA THR A 112 0.72 -7.86 1.52
C THR A 112 1.72 -7.36 0.51
N LEU A 113 1.82 -8.05 -0.62
CA LEU A 113 2.78 -7.67 -1.66
C LEU A 113 2.44 -6.30 -2.22
N GLU A 114 3.47 -5.48 -2.40
CA GLU A 114 3.28 -4.17 -3.04
C GLU A 114 2.98 -4.31 -4.53
N GLU A 115 2.32 -3.30 -5.07
CA GLU A 115 2.22 -3.16 -6.52
C GLU A 115 2.69 -1.77 -6.90
N ALA A 116 2.86 -1.52 -8.20
CA ALA A 116 3.17 -0.18 -8.65
C ALA A 116 1.97 0.71 -8.33
N PRO A 117 2.24 1.99 -7.99
CA PRO A 117 1.14 2.91 -7.71
C PRO A 117 0.13 2.94 -8.86
N SER A 118 -1.16 2.95 -8.54
CA SER A 118 -2.20 2.89 -9.57
C SER A 118 -2.73 4.28 -9.94
N ALA A 119 -2.14 5.32 -9.35
CA ALA A 119 -2.49 6.70 -9.70
C ALA A 119 -1.23 7.55 -9.79
N PRO A 120 -1.27 8.62 -10.60
CA PRO A 120 -0.09 9.48 -10.78
C PRO A 120 0.14 10.41 -9.60
N PRO A 121 1.35 10.99 -9.48
CA PRO A 121 1.57 12.07 -8.53
C PRO A 121 0.59 13.19 -8.82
N GLN A 122 0.25 13.99 -7.82
CA GLN A 122 -0.75 15.04 -7.99
C GLN A 122 -0.12 16.42 -8.14
N GLY A 123 -0.87 17.32 -8.78
CA GLY A 123 -0.50 18.72 -8.90
C GLY A 123 0.82 18.98 -9.59
N VAL A 124 1.18 18.12 -10.54
CA VAL A 124 2.42 18.31 -11.27
C VAL A 124 2.46 19.71 -11.87
N THR A 125 3.50 20.46 -11.54
CA THR A 125 3.62 21.84 -11.97
C THR A 125 5.01 22.08 -12.52
N VAL A 126 5.10 22.81 -13.64
CA VAL A 126 6.38 23.22 -14.18
C VAL A 126 6.48 24.74 -14.11
N SER A 127 7.60 25.23 -13.62
CA SER A 127 7.82 26.66 -13.49
C SER A 127 9.21 27.01 -13.96
N LYS A 128 9.37 28.23 -14.48
CA LYS A 128 10.70 28.80 -14.64
C LYS A 128 11.37 28.71 -13.27
N ASN A 129 12.63 28.33 -13.26
CA ASN A 129 13.39 28.31 -12.01
C ASN A 129 14.21 29.59 -11.90
N ASP A 130 14.38 30.07 -10.67
CA ASP A 130 15.12 31.31 -10.43
C ASP A 130 16.57 31.17 -10.87
N THR A 134 17.93 29.00 -18.11
CA THR A 134 17.18 28.11 -18.99
C THR A 134 16.70 26.88 -18.22
N ALA A 135 16.57 27.02 -16.90
CA ALA A 135 16.19 25.90 -16.05
C ALA A 135 14.72 25.99 -15.64
N ILE A 136 14.11 24.84 -15.39
CA ILE A 136 12.76 24.78 -14.84
C ILE A 136 12.79 24.02 -13.53
N LEU A 137 11.78 24.26 -12.70
CA LEU A 137 11.57 23.49 -11.49
C LEU A 137 10.28 22.70 -11.65
N VAL A 138 10.38 21.38 -11.54
CA VAL A 138 9.21 20.51 -11.58
C VAL A 138 8.83 20.15 -10.16
N SER A 139 7.55 20.31 -9.82
N SER A 139 7.56 20.34 -9.82
CA SER A 139 7.05 20.05 -8.48
CA SER A 139 7.07 20.01 -8.48
C SER A 139 5.79 19.20 -8.52
C SER A 139 5.87 19.10 -8.58
N TRP A 140 5.56 18.41 -7.48
CA TRP A 140 4.41 17.54 -7.42
C TRP A 140 4.12 17.15 -5.97
N GLN A 141 3.01 16.45 -5.79
CA GLN A 141 2.68 15.85 -4.49
C GLN A 141 2.44 14.36 -4.70
N PRO A 142 2.56 13.57 -3.63
CA PRO A 142 2.39 12.12 -3.78
C PRO A 142 1.00 11.75 -4.26
N PRO A 143 0.85 10.57 -4.87
CA PRO A 143 -0.49 10.09 -5.22
C PRO A 143 -1.29 9.90 -3.94
N PRO A 144 -2.62 9.75 -4.06
CA PRO A 144 -3.44 9.46 -2.87
C PRO A 144 -2.90 8.23 -2.16
N GLU A 145 -2.77 8.30 -0.84
CA GLU A 145 -2.17 7.19 -0.09
C GLU A 145 -2.77 5.82 -0.47
N ASP A 146 -4.07 5.79 -0.72
CA ASP A 146 -4.76 4.52 -0.97
C ASP A 146 -4.51 3.97 -2.37
N THR A 147 -3.76 4.72 -3.18
CA THR A 147 -3.46 4.29 -4.54
C THR A 147 -1.99 3.90 -4.68
N GLN A 148 -1.22 4.15 -3.62
CA GLN A 148 0.23 3.96 -3.68
C GLN A 148 0.62 2.48 -3.76
N ASN A 149 -0.17 1.61 -3.14
CA ASN A 149 0.05 0.17 -3.17
C ASN A 149 1.37 -0.27 -2.54
N GLY A 150 1.86 0.54 -1.61
CA GLY A 150 3.12 0.24 -0.94
C GLY A 150 3.83 1.52 -0.57
N MET A 151 5.06 1.39 -0.09
N MET A 151 5.07 1.40 -0.10
CA MET A 151 5.88 2.53 0.26
CA MET A 151 5.87 2.55 0.29
C MET A 151 6.50 3.12 -1.01
C MET A 151 6.59 3.15 -0.92
N VAL A 152 6.32 4.42 -1.19
CA VAL A 152 6.91 5.10 -2.35
C VAL A 152 8.42 5.24 -2.14
N GLN A 153 9.19 4.63 -3.02
CA GLN A 153 10.64 4.62 -2.90
C GLN A 153 11.28 5.80 -3.64
N GLU A 154 10.67 6.21 -4.75
CA GLU A 154 11.22 7.32 -5.51
C GLU A 154 10.23 7.84 -6.53
N TYR A 155 10.56 9.00 -7.09
CA TYR A 155 9.78 9.60 -8.17
C TYR A 155 10.63 9.70 -9.42
N LYS A 156 10.06 9.30 -10.55
CA LYS A 156 10.74 9.39 -11.83
C LYS A 156 10.14 10.55 -12.61
N VAL A 157 10.99 11.49 -13.02
CA VAL A 157 10.56 12.64 -13.80
C VAL A 157 11.08 12.53 -15.22
N TRP A 158 10.16 12.57 -16.19
CA TRP A 158 10.52 12.52 -17.60
C TRP A 158 10.26 13.85 -18.26
N CYS A 159 11.26 14.37 -18.95
N CYS A 159 11.28 14.40 -18.88
CA CYS A 159 11.15 15.64 -19.67
CA CYS A 159 11.15 15.59 -19.69
C CYS A 159 11.46 15.42 -21.16
C CYS A 159 11.45 15.20 -21.12
N LEU A 160 10.42 15.23 -21.96
CA LEU A 160 10.55 14.81 -23.35
C LEU A 160 10.26 15.92 -24.35
N GLY A 161 11.26 16.24 -25.19
CA GLY A 161 11.08 17.23 -26.23
C GLY A 161 10.15 16.73 -27.32
N ASN A 162 9.46 17.67 -27.98
CA ASN A 162 8.61 17.30 -29.11
C ASN A 162 9.42 16.56 -30.15
N GLU A 163 10.64 17.06 -30.39
CA GLU A 163 11.67 16.29 -31.07
C GLU A 163 12.27 15.35 -30.03
N THR A 164 11.94 14.07 -30.13
CA THR A 164 12.24 13.11 -29.06
C THR A 164 13.72 12.88 -28.82
N ARG A 165 14.58 13.38 -29.70
CA ARG A 165 16.02 13.27 -29.48
C ARG A 165 16.41 14.13 -28.28
N TYR A 166 15.55 15.08 -27.93
CA TYR A 166 15.75 15.90 -26.74
C TYR A 166 14.96 15.33 -25.58
N HIS A 167 15.66 14.82 -24.58
CA HIS A 167 14.98 14.25 -23.41
C HIS A 167 15.88 14.26 -22.19
N ILE A 168 15.26 14.39 -21.02
CA ILE A 168 15.97 14.42 -19.76
C ILE A 168 15.18 13.62 -18.74
N ASN A 169 15.88 12.77 -17.99
CA ASN A 169 15.24 11.98 -16.93
C ASN A 169 15.88 12.29 -15.59
N LYS A 170 15.07 12.30 -14.54
CA LYS A 170 15.55 12.54 -13.20
C LYS A 170 14.88 11.58 -12.23
N THR A 171 15.65 11.15 -11.22
CA THR A 171 15.10 10.35 -10.15
C THR A 171 15.39 11.04 -8.83
N VAL A 172 14.38 11.16 -7.98
CA VAL A 172 14.57 11.64 -6.62
C VAL A 172 13.91 10.67 -5.66
N ASP A 173 14.34 10.69 -4.39
CA ASP A 173 13.80 9.76 -3.41
C ASP A 173 12.34 10.05 -3.09
N GLY A 174 11.72 9.14 -2.34
CA GLY A 174 10.31 9.20 -2.05
C GLY A 174 9.87 10.33 -1.13
N SER A 175 10.84 11.06 -0.58
N SER A 175 10.84 11.06 -0.59
CA SER A 175 10.52 12.20 0.27
CA SER A 175 10.55 12.19 0.28
C SER A 175 10.95 13.51 -0.39
C SER A 175 10.94 13.51 -0.39
N THR A 176 11.13 13.47 -1.70
CA THR A 176 11.50 14.64 -2.48
C THR A 176 10.40 14.93 -3.48
N PHE A 177 9.94 16.19 -3.52
CA PHE A 177 8.74 16.51 -4.29
C PHE A 177 8.95 17.64 -5.29
N SER A 178 10.20 17.90 -5.64
CA SER A 178 10.53 18.81 -6.72
C SER A 178 11.93 18.49 -7.23
N VAL A 179 12.22 18.93 -8.45
CA VAL A 179 13.53 18.72 -9.03
C VAL A 179 13.80 19.74 -10.13
N VAL A 180 15.05 20.21 -10.18
CA VAL A 180 15.44 21.19 -11.18
C VAL A 180 15.94 20.50 -12.44
N ILE A 181 15.40 20.90 -13.59
CA ILE A 181 15.94 20.48 -14.86
C ILE A 181 16.75 21.65 -15.41
N PRO A 182 18.08 21.52 -15.35
CA PRO A 182 19.04 22.61 -15.61
C PRO A 182 18.85 23.30 -16.95
N PHE A 183 18.80 22.51 -18.03
CA PHE A 183 18.79 23.10 -19.36
C PHE A 183 17.74 22.50 -20.29
N LEU A 184 16.99 23.39 -20.95
CA LEU A 184 16.09 23.00 -22.01
C LEU A 184 16.52 23.71 -23.29
N VAL A 185 16.49 23.00 -24.41
CA VAL A 185 16.80 23.62 -25.69
C VAL A 185 15.70 24.60 -26.05
N PRO A 186 16.04 25.89 -26.14
CA PRO A 186 15.05 26.92 -26.48
C PRO A 186 14.32 26.58 -27.78
N GLY A 187 13.04 26.92 -27.87
CA GLY A 187 12.28 26.70 -29.08
C GLY A 187 11.68 25.32 -29.19
N ILE A 188 11.99 24.45 -28.22
CA ILE A 188 11.46 23.10 -28.20
C ILE A 188 10.44 22.94 -27.08
N ARG A 189 9.24 22.47 -27.43
CA ARG A 189 8.24 22.20 -26.40
C ARG A 189 8.56 20.88 -25.70
N TYR A 190 8.70 20.93 -24.39
CA TYR A 190 8.95 19.73 -23.61
C TYR A 190 7.70 19.25 -22.90
N SER A 191 7.54 17.93 -22.85
N SER A 191 7.55 17.93 -22.83
N SER A 191 7.55 17.92 -22.83
CA SER A 191 6.47 17.33 -22.07
CA SER A 191 6.48 17.30 -22.09
CA SER A 191 6.46 17.31 -22.07
C SER A 191 7.08 16.84 -20.76
C SER A 191 7.04 16.79 -20.76
C SER A 191 6.99 16.74 -20.77
N VAL A 192 6.45 17.21 -19.65
CA VAL A 192 6.91 16.77 -18.34
C VAL A 192 5.90 15.86 -17.67
N GLU A 193 6.35 14.67 -17.30
CA GLU A 193 5.52 13.69 -16.61
C GLU A 193 6.26 13.10 -15.42
N VAL A 194 5.51 12.76 -14.38
CA VAL A 194 6.08 12.20 -13.17
C VAL A 194 5.37 10.90 -12.80
N ALA A 195 6.11 9.94 -12.29
CA ALA A 195 5.53 8.71 -11.79
C ALA A 195 6.11 8.39 -10.42
N ALA A 196 5.26 7.90 -9.52
CA ALA A 196 5.73 7.38 -8.24
C ALA A 196 6.15 5.92 -8.41
N SER A 197 7.20 5.51 -7.69
CA SER A 197 7.62 4.12 -7.72
C SER A 197 7.64 3.51 -6.33
N THR A 198 7.05 2.33 -6.19
CA THR A 198 7.22 1.52 -5.00
C THR A 198 8.26 0.46 -5.32
N GLY A 199 8.49 -0.46 -4.39
CA GLY A 199 9.40 -1.55 -4.63
C GLY A 199 8.93 -2.44 -5.77
N ALA A 200 7.64 -2.35 -6.09
CA ALA A 200 7.06 -3.21 -7.11
C ALA A 200 7.08 -2.58 -8.51
N GLY A 201 7.59 -1.35 -8.61
CA GLY A 201 7.77 -0.73 -9.90
C GLY A 201 7.15 0.65 -10.06
N SER A 202 7.35 1.23 -11.24
N SER A 202 7.36 1.24 -11.23
CA SER A 202 6.87 2.58 -11.52
CA SER A 202 6.87 2.59 -11.50
C SER A 202 5.38 2.58 -11.81
C SER A 202 5.38 2.58 -11.81
N GLY A 203 4.65 3.50 -11.18
CA GLY A 203 3.22 3.59 -11.37
C GLY A 203 2.85 4.43 -12.58
N VAL A 204 1.57 4.75 -12.69
CA VAL A 204 1.08 5.51 -13.84
C VAL A 204 1.68 6.92 -13.88
N LYS A 205 2.10 7.35 -15.06
CA LYS A 205 2.64 8.68 -15.23
C LYS A 205 1.52 9.72 -15.23
N SER A 206 1.82 10.90 -14.69
CA SER A 206 0.88 12.01 -14.79
C SER A 206 0.71 12.39 -16.26
N GLU A 207 -0.45 12.92 -16.61
CA GLU A 207 -0.62 13.46 -17.95
C GLU A 207 0.30 14.67 -18.07
N PRO A 208 0.84 14.88 -19.28
CA PRO A 208 1.95 15.83 -19.44
C PRO A 208 1.63 17.30 -19.14
N GLN A 209 2.58 17.96 -18.52
CA GLN A 209 2.60 19.42 -18.45
C GLN A 209 3.60 19.86 -19.52
N PHE A 210 3.26 20.92 -20.25
CA PHE A 210 4.11 21.39 -21.34
C PHE A 210 4.83 22.67 -20.99
N ILE A 211 6.08 22.77 -21.41
CA ILE A 211 6.82 24.02 -21.28
C ILE A 211 7.80 24.21 -22.41
N GLN A 212 7.90 25.45 -22.87
CA GLN A 212 8.84 25.82 -23.91
C GLN A 212 9.47 27.14 -23.49
N LEU A 213 10.79 27.22 -23.62
CA LEU A 213 11.51 28.44 -23.26
C LEU A 213 12.04 29.14 -24.52
N ASP A 214 12.06 30.47 -24.47
CA ASP A 214 12.65 31.23 -25.57
C ASP A 214 14.15 31.34 -25.38
N ALA A 215 14.82 32.11 -26.23
CA ALA A 215 16.27 32.24 -26.21
C ALA A 215 16.77 32.92 -24.94
N HIS A 216 15.88 33.68 -24.29
CA HIS A 216 16.23 34.35 -23.04
C HIS A 216 16.03 33.40 -21.86
N GLY A 217 15.50 32.22 -22.14
CA GLY A 217 15.29 31.22 -21.11
C GLY A 217 13.92 31.32 -20.45
N ASN A 218 13.07 32.19 -20.98
CA ASN A 218 11.76 32.43 -20.39
C ASN A 218 10.65 31.64 -21.07
N PRO A 219 9.66 31.20 -20.29
CA PRO A 219 8.55 30.41 -20.80
C PRO A 219 7.80 31.17 -21.91
N VAL A 220 7.47 30.46 -22.98
CA VAL A 220 6.59 31.02 -24.00
C VAL A 220 5.32 30.19 -24.01
N SER A 221 4.19 30.84 -23.74
CA SER A 221 2.92 30.15 -23.70
C SER A 221 2.48 29.76 -25.10
N PRO A 222 1.63 28.73 -25.20
CA PRO A 222 1.06 28.30 -26.48
C PRO A 222 0.39 29.49 -27.19
N GLU A 223 -0.30 30.31 -26.42
CA GLU A 223 -0.96 31.50 -26.96
C GLU A 223 0.04 32.45 -27.61
N ASP A 224 1.24 32.53 -27.02
CA ASP A 224 2.26 33.47 -27.50
C ASP A 224 3.00 32.95 -28.74
N ARG A 225 2.98 31.63 -28.94
CA ARG A 225 3.61 31.04 -30.11
C ARG A 225 3.04 31.65 -31.39
N VAL A 226 1.75 31.45 -31.59
CA VAL A 226 1.05 31.91 -32.78
C VAL A 226 1.03 33.45 -32.78
N SER A 227 2.20 34.05 -32.92
CA SER A 227 2.35 35.50 -32.91
C SER A 227 3.69 35.88 -33.54
OH2 1PE B . -10.09 -27.11 40.82
C12 1PE B . -8.75 -27.14 41.15
C22 1PE B . -7.75 -27.16 40.05
OH3 1PE B . -7.63 -26.02 39.30
C13 1PE B . -6.43 -24.52 37.78
C23 1PE B . -6.49 -25.80 38.55
OH4 1PE B . -7.65 -23.95 37.47
C14 1PE B . -9.05 -22.07 36.85
C24 1PE B . -7.72 -22.75 36.81
OH5 1PE B . -10.11 -22.75 36.30
C15 1PE B . -12.51 -23.15 36.03
C25 1PE B . -11.38 -22.54 36.78
OH6 1PE B . -13.41 -23.93 36.71
C16 1PE B . -15.50 -25.23 36.66
C26 1PE B . -14.24 -24.78 36.00
OH7 1PE B . -16.04 -26.44 36.26
#